data_3WFT
#
_entry.id   3WFT
#
_cell.length_a   34.975
_cell.length_b   28.987
_cell.length_c   63.214
_cell.angle_alpha   90.00
_cell.angle_beta   106.14
_cell.angle_gamma   90.00
#
_symmetry.space_group_name_H-M   'P 1 21 1'
#
loop_
_entity.id
_entity.type
_entity.pdbx_description
1 polymer Myoglobin
2 non-polymer '(1R,19R) cobalt tetradehydrocorrin'
3 non-polymer '(1S,19S) cobalt tetradehydrocorrin'
4 non-polymer 'SULFATE ION'
5 non-polymer GLYCEROL
6 water water
#
_entity_poly.entity_id   1
_entity_poly.type   'polypeptide(L)'
_entity_poly.pdbx_seq_one_letter_code
;GLSDGEWQQVLNVWGKVEADIAGHGQEVLIRLFTGHPETLEKFDKFKHLKTEAEMKASEDLKKHGTVVLTALGGILKKKG
HHEAELKPLAQSHATKHKIPIKYLEFISDAIIHVLHSKHPGDFGADAQGAMTKALELFRNDIAAKYKELGFQG
;
_entity_poly.pdbx_strand_id   A
#
loop_
_chem_comp.id
_chem_comp.type
_chem_comp.name
_chem_comp.formula
GOL non-polymer GLYCEROL 'C3 H8 O3'
J1R non-polymer '(1R,19R) cobalt tetradehydrocorrin' 'C33 H37 Co N4 O4 1'
J1S non-polymer '(1S,19S) cobalt tetradehydrocorrin' 'C33 H37 Co N4 O4 1'
SO4 non-polymer 'SULFATE ION' 'O4 S -2'
#
# COMPACT_ATOMS: atom_id res chain seq x y z
N GLY A 1 -2.95 7.08 17.57
CA GLY A 1 -2.06 5.92 17.33
C GLY A 1 -2.80 4.62 17.54
N LEU A 2 -2.06 3.52 17.50
CA LEU A 2 -2.64 2.18 17.79
C LEU A 2 -2.14 1.73 19.08
N SER A 3 -2.97 0.96 19.76
CA SER A 3 -2.55 0.34 21.01
C SER A 3 -1.57 -0.82 20.71
N ASP A 4 -0.85 -1.28 21.75
CA ASP A 4 -0.03 -2.48 21.62
C ASP A 4 -0.80 -3.68 21.02
N GLY A 5 -2.06 -3.91 21.49
CA GLY A 5 -2.85 -5.04 20.95
C GLY A 5 -3.20 -4.87 19.46
N GLU A 6 -3.48 -3.65 19.04
CA GLU A 6 -3.73 -3.35 17.66
C GLU A 6 -2.49 -3.57 16.86
N TRP A 7 -1.30 -3.06 17.27
CA TRP A 7 -0.11 -3.31 16.47
C TRP A 7 0.14 -4.80 16.34
N GLN A 8 -0.13 -5.58 17.40
CA GLN A 8 0.11 -7.00 17.34
C GLN A 8 -0.80 -7.64 16.31
N GLN A 9 -2.05 -7.21 16.23
CA GLN A 9 -2.95 -7.72 15.14
C GLN A 9 -2.42 -7.29 13.79
N VAL A 10 -1.96 -6.03 13.60
CA VAL A 10 -1.45 -5.61 12.31
C VAL A 10 -0.30 -6.51 11.89
N LEU A 11 0.61 -6.78 12.80
CA LEU A 11 1.81 -7.53 12.36
C LEU A 11 1.52 -9.03 12.26
N ASN A 12 0.49 -9.51 12.93
CA ASN A 12 0.05 -10.87 12.69
C ASN A 12 -0.56 -11.01 11.28
N VAL A 13 -1.40 -10.06 10.88
CA VAL A 13 -1.95 -10.07 9.57
C VAL A 13 -0.82 -9.94 8.53
N TRP A 14 0.19 -9.14 8.81
CA TRP A 14 1.27 -8.90 7.88
C TRP A 14 2.04 -10.21 7.65
N GLY A 15 2.05 -11.10 8.64
CA GLY A 15 2.64 -12.41 8.41
C GLY A 15 1.99 -13.15 7.26
N LYS A 16 0.68 -12.93 7.01
CA LYS A 16 0.03 -13.56 5.87
C LYS A 16 0.61 -13.03 4.60
N VAL A 17 0.80 -11.71 4.53
CA VAL A 17 1.33 -11.11 3.34
C VAL A 17 2.75 -11.66 3.12
N GLU A 18 3.57 -11.78 4.18
CA GLU A 18 5.01 -12.13 3.96
C GLU A 18 5.16 -13.55 3.43
N ALA A 19 4.15 -14.39 3.62
CA ALA A 19 4.24 -15.77 3.04
C ALA A 19 4.27 -15.71 1.51
N ASP A 20 3.72 -14.66 0.98
CA ASP A 20 3.74 -14.52 -0.48
C ASP A 20 3.73 -13.05 -0.88
N ILE A 21 4.83 -12.37 -0.63
CA ILE A 21 4.80 -10.89 -0.80
C ILE A 21 4.63 -10.42 -2.21
N ALA A 22 5.25 -11.10 -3.17
CA ALA A 22 5.11 -10.72 -4.59
C ALA A 22 3.68 -10.96 -5.04
N GLY A 23 3.05 -12.03 -4.56
CA GLY A 23 1.69 -12.34 -5.01
C GLY A 23 0.63 -11.40 -4.40
N HIS A 24 0.77 -11.09 -3.09
CA HIS A 24 -0.01 -10.03 -2.52
C HIS A 24 0.23 -8.70 -3.21
N GLY A 25 1.47 -8.30 -3.39
CA GLY A 25 1.78 -7.04 -4.04
C GLY A 25 1.16 -6.99 -5.41
N GLN A 26 1.28 -8.02 -6.28
CA GLN A 26 0.68 -8.05 -7.63
C GLN A 26 -0.80 -7.80 -7.49
N GLU A 27 -1.46 -8.56 -6.58
CA GLU A 27 -2.93 -8.50 -6.58
C GLU A 27 -3.40 -7.12 -6.08
N VAL A 28 -2.69 -6.57 -5.12
CA VAL A 28 -3.03 -5.22 -4.62
C VAL A 28 -2.85 -4.20 -5.75
N LEU A 29 -1.75 -4.29 -6.49
CA LEU A 29 -1.63 -3.34 -7.57
C LEU A 29 -2.63 -3.54 -8.67
N ILE A 30 -2.89 -4.79 -9.05
CA ILE A 30 -3.90 -5.01 -10.04
C ILE A 30 -5.29 -4.47 -9.59
N ARG A 31 -5.64 -4.66 -8.33
CA ARG A 31 -6.88 -4.10 -7.80
C ARG A 31 -6.86 -2.58 -7.93
N LEU A 32 -5.71 -1.98 -7.64
CA LEU A 32 -5.58 -0.49 -7.78
C LEU A 32 -5.79 -0.03 -9.23
N PHE A 33 -5.07 -0.71 -10.10
CA PHE A 33 -5.11 -0.28 -11.51
C PHE A 33 -6.43 -0.53 -12.22
N THR A 34 -7.06 -1.64 -11.86
CA THR A 34 -8.31 -1.93 -12.51
C THR A 34 -9.45 -1.12 -11.90
N GLY A 35 -9.43 -0.87 -10.58
CA GLY A 35 -10.48 -0.05 -9.96
C GLY A 35 -10.31 1.43 -10.28
N HIS A 36 -9.09 1.84 -10.55
CA HIS A 36 -8.77 3.28 -10.68
C HIS A 36 -7.76 3.42 -11.80
N PRO A 37 -8.22 3.38 -13.07
CA PRO A 37 -7.25 3.38 -14.17
C PRO A 37 -6.35 4.63 -14.25
N GLU A 38 -6.76 5.73 -13.65
CA GLU A 38 -5.88 6.92 -13.63
C GLU A 38 -4.58 6.65 -12.91
N THR A 39 -4.56 5.69 -12.00
CA THR A 39 -3.36 5.37 -11.23
C THR A 39 -2.29 4.73 -12.14
N LEU A 40 -2.72 3.92 -13.10
CA LEU A 40 -1.78 3.24 -13.97
C LEU A 40 -1.00 4.24 -14.83
N GLU A 41 -1.65 5.34 -15.21
CA GLU A 41 -0.96 6.34 -16.04
C GLU A 41 0.20 6.98 -15.33
N LYS A 42 0.26 6.86 -13.99
CA LYS A 42 1.42 7.39 -13.28
C LYS A 42 2.69 6.51 -13.45
N PHE A 43 2.52 5.30 -13.97
CA PHE A 43 3.61 4.28 -13.98
C PHE A 43 4.05 4.15 -15.42
N ASP A 44 5.10 4.85 -15.81
CA ASP A 44 5.57 4.76 -17.22
C ASP A 44 5.87 3.32 -17.56
N LYS A 45 6.41 2.59 -16.62
CA LYS A 45 6.68 1.22 -16.97
C LYS A 45 5.53 0.18 -16.83
N PHE A 46 4.30 0.59 -16.50
CA PHE A 46 3.13 -0.31 -16.49
C PHE A 46 2.02 0.18 -17.42
N LYS A 47 2.18 1.40 -17.94
CA LYS A 47 1.22 1.99 -18.84
C LYS A 47 0.94 1.17 -20.08
N HIS A 48 1.91 0.34 -20.52
CA HIS A 48 1.68 -0.58 -21.68
C HIS A 48 0.67 -1.69 -21.37
N LEU A 49 0.41 -1.99 -20.07
CA LEU A 49 -0.50 -3.09 -19.67
C LEU A 49 -1.93 -2.70 -20.02
N LYS A 50 -2.49 -3.36 -21.03
CA LYS A 50 -3.82 -3.02 -21.43
C LYS A 50 -4.93 -3.84 -20.84
N THR A 51 -4.66 -5.06 -20.42
CA THR A 51 -5.70 -5.96 -19.89
C THR A 51 -5.25 -6.54 -18.56
N GLU A 52 -6.19 -7.06 -17.79
CA GLU A 52 -5.78 -7.67 -16.56
C GLU A 52 -4.91 -8.91 -16.84
N ALA A 53 -5.15 -9.62 -17.94
CA ALA A 53 -4.27 -10.75 -18.25
C ALA A 53 -2.84 -10.36 -18.43
N GLU A 54 -2.61 -9.21 -19.13
CA GLU A 54 -1.27 -8.70 -19.30
C GLU A 54 -0.73 -8.35 -17.92
N MET A 55 -1.52 -7.72 -17.03
CA MET A 55 -1.06 -7.39 -15.68
C MET A 55 -0.62 -8.58 -14.92
N LYS A 56 -1.44 -9.64 -14.95
CA LYS A 56 -1.16 -10.86 -14.21
C LYS A 56 0.10 -11.54 -14.71
N ALA A 57 0.39 -11.39 -16.01
CA ALA A 57 1.50 -12.06 -16.70
C ALA A 57 2.79 -11.24 -16.58
N SER A 58 2.72 -10.02 -16.01
CA SER A 58 3.94 -9.19 -15.93
C SER A 58 4.77 -9.60 -14.72
N GLU A 59 6.01 -10.08 -14.95
CA GLU A 59 6.91 -10.36 -13.93
C GLU A 59 7.46 -9.11 -13.29
N ASP A 60 7.51 -8.05 -14.07
CA ASP A 60 8.01 -6.80 -13.56
C ASP A 60 6.97 -6.18 -12.58
N LEU A 61 5.66 -6.45 -12.80
CA LEU A 61 4.65 -5.95 -11.90
C LEU A 61 4.73 -6.65 -10.58
N LYS A 62 4.98 -7.97 -10.59
CA LYS A 62 5.24 -8.72 -9.33
C LYS A 62 6.46 -8.19 -8.65
N LYS A 63 7.52 -7.86 -9.39
CA LYS A 63 8.76 -7.37 -8.77
C LYS A 63 8.44 -6.03 -8.06
N HIS A 64 7.70 -5.15 -8.74
CA HIS A 64 7.31 -3.87 -8.12
C HIS A 64 6.46 -4.14 -6.87
N GLY A 65 5.53 -5.09 -6.96
CA GLY A 65 4.76 -5.47 -5.79
C GLY A 65 5.61 -5.83 -4.60
N THR A 66 6.68 -6.63 -4.84
CA THR A 66 7.65 -6.93 -3.85
C THR A 66 8.28 -5.66 -3.26
N VAL A 67 8.73 -4.76 -4.10
CA VAL A 67 9.39 -3.54 -3.60
C VAL A 67 8.46 -2.70 -2.75
N VAL A 68 7.21 -2.52 -3.23
CA VAL A 68 6.20 -1.65 -2.57
CA VAL A 68 6.33 -1.59 -2.50
C VAL A 68 5.86 -2.23 -1.21
N LEU A 69 5.56 -3.54 -1.19
CA LEU A 69 5.15 -4.13 0.11
C LEU A 69 6.30 -4.31 1.04
N THR A 70 7.52 -4.48 0.52
CA THR A 70 8.64 -4.57 1.41
C THR A 70 8.80 -3.22 2.18
N ALA A 71 8.63 -2.12 1.43
CA ALA A 71 8.73 -0.79 2.05
C ALA A 71 7.64 -0.65 3.07
N LEU A 72 6.41 -0.99 2.67
CA LEU A 72 5.30 -0.85 3.63
C LEU A 72 5.48 -1.71 4.85
N GLY A 73 5.94 -2.94 4.69
CA GLY A 73 6.11 -3.86 5.79
C GLY A 73 7.17 -3.35 6.78
N GLY A 74 8.29 -2.78 6.27
CA GLY A 74 9.27 -2.26 7.17
C GLY A 74 8.71 -1.09 7.97
N ILE A 75 7.93 -0.24 7.30
CA ILE A 75 7.26 0.85 8.00
C ILE A 75 6.33 0.35 9.11
N LEU A 76 5.47 -0.64 8.74
CA LEU A 76 4.59 -1.15 9.76
C LEU A 76 5.26 -1.73 10.98
N LYS A 77 6.37 -2.39 10.75
CA LYS A 77 7.15 -2.94 11.86
C LYS A 77 7.76 -1.92 12.78
N LYS A 78 7.83 -0.65 12.35
CA LYS A 78 8.18 0.46 13.26
C LYS A 78 7.07 0.88 14.18
N LYS A 79 5.86 0.36 14.01
CA LYS A 79 4.71 0.61 14.91
C LYS A 79 4.57 2.11 15.13
N GLY A 80 4.60 2.89 14.04
CA GLY A 80 4.31 4.34 14.10
C GLY A 80 5.62 5.15 14.28
N HIS A 81 6.74 4.56 14.71
CA HIS A 81 8.01 5.32 14.81
C HIS A 81 8.77 5.28 13.52
N HIS A 82 8.19 5.91 12.53
CA HIS A 82 8.60 5.65 11.13
C HIS A 82 9.01 6.92 10.36
N GLU A 83 9.34 7.97 11.09
CA GLU A 83 9.61 9.22 10.39
C GLU A 83 10.75 9.08 9.34
N ALA A 84 11.84 8.42 9.73
CA ALA A 84 13.04 8.34 8.87
C ALA A 84 12.69 7.52 7.61
N GLU A 85 11.82 6.55 7.75
CA GLU A 85 11.40 5.75 6.57
C GLU A 85 10.33 6.42 5.72
N LEU A 86 9.41 7.12 6.40
CA LEU A 86 8.25 7.60 5.75
C LEU A 86 8.58 8.91 5.07
N LYS A 87 9.37 9.79 5.69
CA LYS A 87 9.52 11.11 5.06
C LYS A 87 10.03 11.01 3.62
N PRO A 88 11.15 10.29 3.36
CA PRO A 88 11.62 10.10 1.97
C PRO A 88 10.66 9.45 1.00
N LEU A 89 9.87 8.53 1.53
CA LEU A 89 8.87 7.90 0.72
C LEU A 89 7.80 8.93 0.32
N ALA A 90 7.36 9.76 1.29
CA ALA A 90 6.42 10.80 0.87
C ALA A 90 7.00 11.77 -0.07
N GLN A 91 8.24 12.19 0.16
CA GLN A 91 8.85 13.21 -0.69
C GLN A 91 9.10 12.71 -2.11
N SER A 92 9.51 11.45 -2.24
CA SER A 92 9.66 10.84 -3.54
C SER A 92 8.34 10.77 -4.31
N HIS A 93 7.26 10.40 -3.63
CA HIS A 93 6.01 10.29 -4.27
C HIS A 93 5.39 11.62 -4.66
N ALA A 94 5.60 12.65 -3.85
CA ALA A 94 5.11 13.99 -4.24
C ALA A 94 5.97 14.61 -5.35
N THR A 95 7.28 14.59 -5.21
CA THR A 95 8.08 15.39 -6.11
C THR A 95 8.37 14.63 -7.41
N LYS A 96 8.67 13.34 -7.36
CA LYS A 96 9.08 12.60 -8.56
C LYS A 96 7.84 11.94 -9.15
N HIS A 97 7.09 11.14 -8.33
CA HIS A 97 6.04 10.31 -8.95
C HIS A 97 4.72 10.97 -9.12
N LYS A 98 4.57 12.13 -8.44
CA LYS A 98 3.33 12.95 -8.59
C LYS A 98 2.04 12.16 -8.21
N ILE A 99 2.06 11.48 -7.03
CA ILE A 99 0.97 10.63 -6.61
C ILE A 99 0.08 11.37 -5.62
N PRO A 100 -1.15 11.68 -6.04
CA PRO A 100 -2.09 12.38 -5.13
C PRO A 100 -2.38 11.52 -3.90
N ILE A 101 -2.62 12.12 -2.76
CA ILE A 101 -2.91 11.34 -1.58
C ILE A 101 -4.14 10.42 -1.72
N LYS A 102 -5.06 10.76 -2.61
CA LYS A 102 -6.23 9.91 -2.82
C LYS A 102 -5.76 8.52 -3.29
N TYR A 103 -4.62 8.40 -4.00
CA TYR A 103 -4.20 7.08 -4.44
C TYR A 103 -3.80 6.20 -3.30
N LEU A 104 -3.31 6.81 -2.23
CA LEU A 104 -3.04 6.05 -0.98
C LEU A 104 -4.30 5.59 -0.28
N GLU A 105 -5.38 6.38 -0.39
CA GLU A 105 -6.68 5.87 0.12
C GLU A 105 -7.11 4.69 -0.77
N PHE A 106 -6.97 4.80 -2.09
CA PHE A 106 -7.33 3.71 -2.99
C PHE A 106 -6.55 2.44 -2.66
N ILE A 107 -5.23 2.55 -2.44
CA ILE A 107 -4.48 1.30 -2.26
C ILE A 107 -4.76 0.71 -0.87
N SER A 108 -5.15 1.57 0.07
CA SER A 108 -5.52 1.09 1.42
C SER A 108 -6.79 0.21 1.37
N ASP A 109 -7.77 0.68 0.60
CA ASP A 109 -9.01 -0.06 0.30
C ASP A 109 -8.64 -1.35 -0.42
N ALA A 110 -7.71 -1.27 -1.39
CA ALA A 110 -7.32 -2.48 -2.13
C ALA A 110 -6.68 -3.52 -1.23
N ILE A 111 -5.80 -3.10 -0.27
CA ILE A 111 -5.19 -4.04 0.67
C ILE A 111 -6.21 -4.76 1.49
N ILE A 112 -7.21 -4.00 1.98
CA ILE A 112 -8.26 -4.69 2.78
C ILE A 112 -9.02 -5.66 1.92
N HIS A 113 -9.38 -5.25 0.70
CA HIS A 113 -10.05 -6.19 -0.20
C HIS A 113 -9.20 -7.48 -0.45
N VAL A 114 -7.96 -7.26 -0.90
CA VAL A 114 -7.14 -8.42 -1.21
C VAL A 114 -6.93 -9.35 -0.02
N LEU A 115 -6.80 -8.81 1.17
CA LEU A 115 -6.67 -9.66 2.36
C LEU A 115 -7.92 -10.58 2.55
N HIS A 116 -9.13 -10.02 2.40
CA HIS A 116 -10.30 -10.84 2.49
C HIS A 116 -10.41 -11.84 1.36
N SER A 117 -10.01 -11.46 0.15
CA SER A 117 -10.08 -12.35 -0.99
C SER A 117 -9.14 -13.53 -0.86
N LYS A 118 -7.94 -13.27 -0.34
CA LYS A 118 -6.91 -14.33 -0.19
C LYS A 118 -7.03 -15.11 1.11
N HIS A 119 -7.67 -14.51 2.09
CA HIS A 119 -7.79 -15.12 3.43
C HIS A 119 -9.25 -15.09 3.95
N PRO A 120 -10.18 -15.63 3.17
CA PRO A 120 -11.56 -15.45 3.60
C PRO A 120 -11.92 -16.15 4.85
N GLY A 121 -12.57 -15.44 5.74
CA GLY A 121 -12.81 -15.98 7.08
C GLY A 121 -11.65 -16.04 8.05
N ASP A 122 -10.48 -15.54 7.60
CA ASP A 122 -9.32 -15.54 8.45
C ASP A 122 -8.79 -14.12 8.67
N PHE A 123 -9.64 -13.11 8.41
CA PHE A 123 -9.25 -11.69 8.58
C PHE A 123 -10.47 -11.08 9.31
N GLY A 124 -10.43 -11.28 10.63
CA GLY A 124 -11.68 -10.97 11.38
C GLY A 124 -11.85 -9.48 11.64
N ALA A 125 -12.94 -9.17 12.32
CA ALA A 125 -13.33 -7.78 12.47
C ALA A 125 -12.31 -6.98 13.27
N ASP A 126 -11.73 -7.58 14.28
CA ASP A 126 -10.66 -6.95 15.07
C ASP A 126 -9.40 -6.67 14.24
N ALA A 127 -9.04 -7.67 13.46
CA ALA A 127 -7.85 -7.55 12.64
C ALA A 127 -8.05 -6.51 11.53
N GLN A 128 -9.23 -6.46 10.94
CA GLN A 128 -9.47 -5.44 9.91
C GLN A 128 -9.43 -4.07 10.56
N GLY A 129 -10.03 -3.94 11.73
CA GLY A 129 -9.98 -2.61 12.41
C GLY A 129 -8.52 -2.17 12.61
N ALA A 130 -7.67 -3.05 13.13
CA ALA A 130 -6.29 -2.70 13.41
C ALA A 130 -5.54 -2.35 12.13
N MET A 131 -5.67 -3.19 11.10
CA MET A 131 -4.99 -2.89 9.89
C MET A 131 -5.46 -1.56 9.24
N THR A 132 -6.75 -1.24 9.35
CA THR A 132 -7.29 0.00 8.85
C THR A 132 -6.65 1.13 9.59
N LYS A 133 -6.55 1.09 10.92
CA LYS A 133 -5.80 2.12 11.67
C LYS A 133 -4.37 2.32 11.21
N ALA A 134 -3.66 1.21 10.96
CA ALA A 134 -2.22 1.32 10.57
C ALA A 134 -2.17 1.99 9.20
N LEU A 135 -3.05 1.65 8.23
CA LEU A 135 -3.00 2.25 6.94
C LEU A 135 -3.42 3.69 6.99
N GLU A 136 -4.41 4.03 7.83
CA GLU A 136 -4.76 5.44 8.00
C GLU A 136 -3.58 6.26 8.56
N LEU A 137 -2.87 5.72 9.50
CA LEU A 137 -1.72 6.40 10.15
C LEU A 137 -0.66 6.65 9.05
N PHE A 138 -0.37 5.62 8.22
CA PHE A 138 0.63 5.74 7.15
C PHE A 138 0.19 6.85 6.19
N ARG A 139 -1.06 6.82 5.70
CA ARG A 139 -1.41 7.85 4.76
C ARG A 139 -1.55 9.21 5.40
N ASN A 140 -1.93 9.28 6.67
CA ASN A 140 -2.03 10.59 7.30
C ASN A 140 -0.65 11.22 7.57
N ASP A 141 0.32 10.40 7.85
CA ASP A 141 1.70 10.95 7.97
C ASP A 141 2.24 11.35 6.66
N ILE A 142 1.96 10.56 5.63
CA ILE A 142 2.35 11.01 4.29
C ILE A 142 1.66 12.35 3.92
N ALA A 143 0.35 12.48 4.23
CA ALA A 143 -0.45 13.71 3.93
C ALA A 143 0.24 14.89 4.64
N ALA A 144 0.79 14.74 5.84
CA ALA A 144 1.41 15.88 6.50
C ALA A 144 2.69 16.30 5.77
N LYS A 145 3.41 15.33 5.23
CA LYS A 145 4.58 15.69 4.42
C LYS A 145 4.22 16.35 3.10
N TYR A 146 3.13 15.90 2.47
CA TYR A 146 2.62 16.56 1.25
C TYR A 146 2.21 17.99 1.54
N LYS A 147 1.57 18.23 2.70
CA LYS A 147 1.21 19.61 3.06
CA LYS A 147 1.22 19.60 3.05
C LYS A 147 2.41 20.48 3.21
N GLU A 148 3.50 19.99 3.84
CA GLU A 148 4.74 20.73 3.90
C GLU A 148 5.19 21.19 2.53
N LEU A 149 5.08 20.30 1.52
CA LEU A 149 5.52 20.60 0.14
C LEU A 149 4.52 21.40 -0.63
N GLY A 150 3.31 21.59 -0.12
CA GLY A 150 2.23 22.17 -0.89
C GLY A 150 1.75 21.29 -2.05
N PHE A 151 1.92 19.98 -1.94
CA PHE A 151 1.64 19.08 -3.02
C PHE A 151 0.20 18.66 -2.97
N GLN A 152 -0.48 18.75 -4.12
CA GLN A 152 -1.84 18.32 -4.28
C GLN A 152 -1.92 17.15 -5.26
N GLY A 153 -1.22 17.27 -6.38
CA GLY A 153 -1.31 16.27 -7.46
C GLY A 153 -0.41 16.80 -8.62
O1B J1R B . 10.82 5.66 -5.99
CGB J1R B . 10.93 5.31 -4.79
O2B J1R B . 10.66 6.10 -3.81
CBB J1R B . 11.48 3.89 -4.61
CAB J1R B . 10.61 2.73 -5.20
C3B J1R B . 9.21 2.73 -4.65
C2B J1R B . 8.85 2.33 -3.39
CMB J1R B . 9.63 1.66 -2.25
C1B J1R B . 7.47 2.64 -3.41
NB J1R B . 7.02 3.31 -4.52
C4B J1R B . 8.09 3.25 -5.31
CHB J1R B . 8.01 3.75 -6.64
CHA J1R B . 6.60 2.33 -2.25
C4A J1R B . 5.17 2.60 -2.21
NA J1R B . 4.73 3.32 -3.15
CO J1R B . 5.21 3.84 -4.86
C3A J1R B . 4.22 2.31 -1.19
C6A J1R B . 4.56 1.59 0.08
C2A J1R B . 3.03 2.83 -1.61
C5A J1R B . 1.71 2.75 -0.86
C1A J1R B . 3.26 3.63 -2.85
CAA J1R B . 3.04 5.12 -2.43
C4D J1R B . 2.52 3.52 -4.13
ND J1R B . 3.41 4.25 -5.16
CAD J1R B . 2.53 1.92 -4.34
C3D J1R B . 1.17 4.04 -4.53
C6D J1R B . -0.20 3.81 -3.87
C2D J1R B . 1.30 4.56 -5.81
C5D J1R B . 0.22 5.04 -6.74
C1D J1R B . 2.68 4.58 -6.15
CHC J1R B . 3.38 5.03 -7.31
C4C J1R B . 4.80 4.75 -7.61
C3C J1R B . 5.40 4.98 -8.88
CMC J1R B . 4.74 5.54 -10.13
NC J1R B . 5.65 4.32 -6.66
C1C J1R B . 6.80 4.15 -7.33
C2C J1R B . 6.73 4.60 -8.68
CAC J1R B . 7.82 4.56 -9.71
CBD J1R B . 7.77 3.18 -10.47
CGD J1R B . 9.01 3.07 -11.33
O2C J1R B . 8.89 3.63 -12.44
O1C J1R B . 10.04 2.45 -10.94
O1B J1S C . 10.88 5.65 -5.97
CGB J1S C . 10.97 5.28 -4.79
O2B J1S C . 10.64 6.05 -3.84
CBB J1S C . 11.48 3.86 -4.61
CAB J1S C . 10.59 2.74 -5.24
C3B J1S C . 9.22 2.78 -4.66
C2B J1S C . 8.85 2.39 -3.38
CMB J1S C . 9.64 1.77 -2.25
C1B J1S C . 7.48 2.70 -3.40
NB J1S C . 7.01 3.29 -4.55
C4B J1S C . 8.10 3.28 -5.31
CHB J1S C . 8.06 3.78 -6.66
CHA J1S C . 6.64 2.51 -2.20
C4A J1S C . 5.20 2.60 -2.20
NA J1S C . 4.71 3.23 -3.20
CO J1S C . 5.21 3.83 -4.87
C3A J1S C . 4.23 2.24 -1.23
C6A J1S C . 4.54 1.64 0.10
C2A J1S C . 3.00 2.58 -1.78
C5A J1S C . 1.66 2.32 -1.14
C1A J1S C . 3.21 2.99 -3.18
CAA J1S C . 2.80 1.74 -4.02
C4D J1S C . 2.55 4.15 -3.88
ND J1S C . 3.41 4.30 -5.13
CAD J1S C . 2.71 5.33 -2.90
C3D J1S C . 1.20 4.31 -4.43
C6D J1S C . -0.08 4.27 -3.62
C2D J1S C . 1.29 4.64 -5.78
C5D J1S C . 0.19 5.03 -6.73
C1D J1S C . 2.66 4.58 -6.15
CHC J1S C . 3.34 4.85 -7.39
C4C J1S C . 4.80 4.68 -7.62
C3C J1S C . 5.39 4.91 -8.87
CMC J1S C . 4.73 5.40 -10.13
NC J1S C . 5.68 4.36 -6.62
C1C J1S C . 6.82 4.18 -7.33
C2C J1S C . 6.73 4.59 -8.67
CAC J1S C . 7.83 4.60 -9.69
CBD J1S C . 7.79 3.22 -10.41
CGD J1S C . 9.00 3.08 -11.30
O2C J1S C . 8.89 3.63 -12.41
O1C J1S C . 10.02 2.44 -10.94
S SO4 D . -9.84 -6.61 -19.20
S SO4 D . -9.97 -6.85 -19.18
O1 SO4 D . -9.11 -6.97 -17.94
O1 SO4 D . -8.83 -6.23 -18.49
O2 SO4 D . -10.03 -7.70 -20.13
O2 SO4 D . -9.98 -6.56 -20.60
O3 SO4 D . -8.90 -5.63 -19.74
O3 SO4 D . -11.18 -6.17 -18.65
O4 SO4 D . -11.09 -5.87 -18.90
O4 SO4 D . -10.00 -8.29 -18.90
S SO4 E . 10.06 8.97 15.03
S SO4 E . 10.02 8.56 15.12
O1 SO4 E . 10.42 8.29 16.33
O1 SO4 E . 9.57 7.61 16.09
O2 SO4 E . 10.08 8.16 13.84
O2 SO4 E . 9.12 8.47 14.02
O3 SO4 E . 8.65 9.38 15.01
O3 SO4 E . 9.89 9.89 15.74
O4 SO4 E . 10.82 10.19 14.82
O4 SO4 E . 11.29 8.34 14.48
C1 GOL F . 9.78 -6.12 6.79
O1 GOL F . 10.47 -7.15 7.47
C2 GOL F . 9.80 -6.20 5.27
O2 GOL F . 11.10 -6.51 4.75
C3 GOL F . 8.78 -7.14 4.65
O3 GOL F . 7.67 -7.32 5.45
C1 GOL G . -3.78 -4.11 24.14
O1 GOL G . -3.04 -2.93 24.07
C2 GOL G . -5.24 -3.75 24.09
O2 GOL G . -5.32 -2.39 24.40
C3 GOL G . -5.92 -4.03 22.77
O3 GOL G . -6.25 -2.86 22.04
C1 GOL H . -2.61 16.28 0.62
O1 GOL H . -2.08 16.35 -0.67
C2 GOL H . -2.56 17.74 1.00
O2 GOL H . -1.46 18.31 0.34
C3 GOL H . -2.71 18.10 2.45
O3 GOL H . -2.62 19.50 2.34
#